data_5W83
#
_entry.id   5W83
#
_cell.length_a   58.720
_cell.length_b   74.990
_cell.length_c   82.470
_cell.angle_alpha   90.00
_cell.angle_beta   90.00
_cell.angle_gamma   90.00
#
_symmetry.space_group_name_H-M   'P 21 21 21'
#
loop_
_entity.id
_entity.type
_entity.pdbx_description
1 polymer '26S proteasome regulatory subunit RPN8'
2 polymer 'Ubiquitin carboxyl-terminal hydrolase RPN11'
3 non-polymer 'ZINC ION'
4 water water
#
loop_
_entity_poly.entity_id
_entity_poly.type
_entity_poly.pdbx_seq_one_letter_code
_entity_poly.pdbx_strand_id
1 'polypeptide(L)'
;MSLQHEKVTIAPLVLLSALDHYERTQTKENKRCVGVILGDANSSTIRVTNSFALPFEEDEKNSDVWFLDHNYIENMNEMC
KKINAKEKLIGWYHSGPKLRASDLKINELFKKYTQNNPLLLIVDVKQQGVGLPTDAYVAIEQVKDDGTSTEKTFLHLPCT
IEAEEAEEIGVEHLLRDVRDQAAGGLSIRLTNQLKSLKGLQSKLKDVVEYLDKVINKELPINHTILGKLQDVFNLLPNLG
TPDDDEIDVENHDRINISNNLQKALTVKTNDELMVIYISNLVRSIIAFDDLIENKIQNKKIQEQRVKDKQSKVSDDSESE
SGDKEATAPLIQRKNKKN
;
A
2 'polypeptide(L)'
;MERLQRLMMNSKVGSADTGRDDTKETVYISSIALLKMLKHGRAGVPMEVMGLMLGEFVDDYTVNVVDVFAMPQSGTGVSV
EAVDDVFQAKMMDMLKQTGRDQMVVGWYHSHPGFGCWLSSVDVNTQKSFEQLNSRAVAVVVDPIQSVKGKVVIDAFRLID
TGALINNLEPRQTTSNTGLLNKANIQALIHGLNRHYYSLNIDYHKTAKETKMLMNLHKEQWQ
;
B
#
loop_
_chem_comp.id
_chem_comp.type
_chem_comp.name
_chem_comp.formula
ZN non-polymer 'ZINC ION' 'Zn 2'
#
# COMPACT_ATOMS: atom_id res chain seq x y z
N LEU A 3 -6.94 -11.48 24.60
CA LEU A 3 -6.93 -10.04 24.81
C LEU A 3 -5.48 -9.54 24.72
N GLN A 4 -4.53 -10.44 24.90
CA GLN A 4 -3.12 -10.11 24.89
C GLN A 4 -2.54 -10.40 23.51
N HIS A 5 -2.05 -9.35 22.84
CA HIS A 5 -1.30 -9.54 21.62
C HIS A 5 0.10 -10.03 21.93
N GLU A 6 0.57 -11.00 21.16
CA GLU A 6 1.89 -11.54 21.40
C GLU A 6 2.83 -11.44 20.21
N LYS A 7 2.32 -11.34 18.98
CA LYS A 7 3.21 -11.27 17.83
C LYS A 7 2.50 -10.56 16.69
N VAL A 8 3.30 -10.18 15.69
CA VAL A 8 2.82 -9.39 14.56
C VAL A 8 3.34 -10.02 13.28
N THR A 9 2.47 -10.13 12.26
CA THR A 9 2.92 -10.48 10.91
C THR A 9 2.65 -9.28 10.01
N ILE A 10 3.53 -9.08 9.04
CA ILE A 10 3.46 -7.92 8.14
C ILE A 10 3.59 -8.38 6.69
N ALA A 11 2.71 -7.87 5.82
CA ALA A 11 2.81 -8.12 4.39
C ALA A 11 3.89 -7.23 3.77
N PRO A 12 4.68 -7.76 2.84
CA PRO A 12 5.69 -6.92 2.15
C PRO A 12 5.14 -5.63 1.59
N LEU A 13 3.89 -5.63 1.13
CA LEU A 13 3.31 -4.42 0.57
C LEU A 13 3.32 -3.27 1.56
N VAL A 14 3.05 -3.57 2.85
CA VAL A 14 3.01 -2.50 3.85
C VAL A 14 4.37 -1.82 3.97
N LEU A 15 5.46 -2.60 3.95
CA LEU A 15 6.78 -1.99 4.05
C LEU A 15 7.11 -1.17 2.80
N LEU A 16 6.75 -1.67 1.62
CA LEU A 16 6.98 -0.93 0.37
C LEU A 16 6.12 0.33 0.30
N SER A 17 4.90 0.27 0.86
CA SER A 17 4.05 1.45 0.92
C SER A 17 4.63 2.49 1.85
N ALA A 18 5.17 2.07 3.00
CA ALA A 18 5.78 3.06 3.88
C ALA A 18 6.98 3.72 3.21
N LEU A 19 7.80 2.93 2.50
CA LEU A 19 8.95 3.50 1.79
C LEU A 19 8.49 4.47 0.71
N ASP A 20 7.46 4.10 -0.06
CA ASP A 20 6.97 4.97 -1.12
C ASP A 20 6.41 6.27 -0.55
N HIS A 21 5.71 6.18 0.58
CA HIS A 21 5.25 7.37 1.29
C HIS A 21 6.43 8.27 1.68
N TYR A 22 7.44 7.67 2.32
CA TYR A 22 8.61 8.44 2.73
C TYR A 22 9.27 9.11 1.54
N GLU A 23 9.43 8.38 0.43
CA GLU A 23 10.17 8.94 -0.70
C GLU A 23 9.34 9.97 -1.45
N ARG A 24 8.03 9.76 -1.58
CA ARG A 24 7.23 10.68 -2.39
C ARG A 24 6.96 12.00 -1.68
N THR A 25 7.08 12.04 -0.35
CA THR A 25 6.97 13.27 0.41
C THR A 25 8.33 13.92 0.69
N GLN A 26 9.38 13.45 0.02
N GLN A 26 9.39 13.40 0.06
CA GLN A 26 10.75 13.98 0.14
CA GLN A 26 10.72 13.98 0.15
C GLN A 26 11.19 14.13 1.60
C GLN A 26 11.15 14.15 1.61
N THR A 27 10.79 13.17 2.43
CA THR A 27 11.19 13.18 3.83
C THR A 27 12.70 12.96 3.91
N LYS A 28 13.39 13.79 4.69
CA LYS A 28 14.82 13.65 4.88
C LYS A 28 15.19 14.12 6.28
N GLU A 29 16.49 14.07 6.58
CA GLU A 29 17.01 14.54 7.86
C GLU A 29 16.36 13.78 9.01
N ASN A 30 15.94 14.50 10.05
CA ASN A 30 15.31 13.88 11.20
C ASN A 30 13.79 13.80 11.06
N LYS A 31 13.25 14.16 9.89
CA LYS A 31 11.82 14.14 9.72
C LYS A 31 11.33 12.71 9.53
N ARG A 32 10.06 12.51 9.85
CA ARG A 32 9.42 11.21 9.67
C ARG A 32 8.09 11.41 8.95
N CYS A 33 7.66 10.36 8.26
CA CYS A 33 6.31 10.29 7.74
C CYS A 33 5.48 9.37 8.64
N VAL A 34 4.17 9.56 8.59
CA VAL A 34 3.26 8.88 9.50
C VAL A 34 2.03 8.43 8.72
N GLY A 35 1.54 7.24 9.01
CA GLY A 35 0.29 6.79 8.41
C GLY A 35 -0.48 5.76 9.21
N VAL A 36 -1.48 5.14 8.58
CA VAL A 36 -2.37 4.18 9.21
C VAL A 36 -2.02 2.79 8.71
N ILE A 37 -2.13 1.78 9.58
CA ILE A 37 -2.05 0.38 9.16
C ILE A 37 -3.39 -0.30 9.34
N LEU A 38 -3.68 -1.22 8.43
CA LEU A 38 -4.93 -1.97 8.39
C LEU A 38 -4.63 -3.46 8.44
N GLY A 39 -5.62 -4.22 8.88
CA GLY A 39 -5.50 -5.66 8.95
C GLY A 39 -6.45 -6.26 9.96
N ASP A 40 -5.95 -7.12 10.84
CA ASP A 40 -6.81 -7.82 11.80
C ASP A 40 -6.05 -8.01 13.10
N ALA A 41 -6.58 -7.47 14.20
CA ALA A 41 -5.92 -7.50 15.50
C ALA A 41 -6.78 -8.14 16.57
N ASN A 42 -7.72 -8.99 16.17
CA ASN A 42 -8.65 -9.61 17.11
C ASN A 42 -8.13 -10.92 17.69
N SER A 43 -6.91 -11.34 17.34
CA SER A 43 -6.29 -12.53 17.91
C SER A 43 -4.91 -12.16 18.42
N SER A 44 -4.23 -13.12 19.06
CA SER A 44 -2.93 -12.82 19.65
C SER A 44 -1.87 -12.48 18.60
N THR A 45 -2.06 -12.93 17.37
CA THR A 45 -1.19 -12.50 16.27
C THR A 45 -1.90 -11.38 15.51
N ILE A 46 -1.29 -10.20 15.49
CA ILE A 46 -1.82 -9.10 14.69
C ILE A 46 -1.31 -9.25 13.28
N ARG A 47 -2.24 -9.25 12.32
N ARG A 47 -2.23 -9.21 12.31
CA ARG A 47 -1.91 -9.34 10.91
CA ARG A 47 -1.89 -9.37 10.90
C ARG A 47 -2.01 -7.94 10.31
C ARG A 47 -2.03 -8.02 10.20
N VAL A 48 -0.89 -7.45 9.79
CA VAL A 48 -0.82 -6.13 9.18
C VAL A 48 -0.76 -6.35 7.66
N THR A 49 -1.82 -5.96 6.95
CA THR A 49 -1.90 -6.28 5.54
C THR A 49 -2.05 -5.08 4.61
N ASN A 50 -2.32 -3.88 5.13
CA ASN A 50 -2.42 -2.71 4.26
C ASN A 50 -2.08 -1.48 5.07
N SER A 51 -2.09 -0.33 4.39
CA SER A 51 -1.69 0.93 5.02
C SER A 51 -2.12 2.08 4.13
N PHE A 52 -2.14 3.28 4.71
CA PHE A 52 -2.20 4.48 3.88
C PHE A 52 -1.53 5.64 4.62
N ALA A 53 -1.04 6.60 3.83
CA ALA A 53 -0.33 7.77 4.31
C ALA A 53 -1.26 8.76 5.00
N LEU A 54 -0.73 9.48 6.02
CA LEU A 54 -1.45 10.59 6.62
C LEU A 54 -0.73 11.91 6.37
N PRO A 55 -1.47 13.01 6.22
CA PRO A 55 -0.85 14.32 6.40
C PRO A 55 -0.49 14.47 7.87
N PHE A 56 0.73 14.91 8.12
CA PHE A 56 1.25 14.95 9.48
C PHE A 56 2.32 16.02 9.54
N GLU A 57 2.22 16.89 10.52
CA GLU A 57 3.28 17.86 10.77
C GLU A 57 3.60 17.83 12.25
N GLU A 58 4.87 18.02 12.55
CA GLU A 58 5.33 18.12 13.94
C GLU A 58 6.44 19.14 13.97
N ASP A 59 6.59 19.77 15.13
CA ASP A 59 7.56 20.83 15.30
C ASP A 59 8.94 20.23 15.49
N GLU A 60 9.89 20.79 14.78
CA GLU A 60 11.26 20.37 14.82
C GLU A 60 11.78 20.04 16.22
N LYS A 61 11.73 20.99 17.13
CA LYS A 61 12.23 20.74 18.45
C LYS A 61 11.18 20.35 19.45
N ASN A 62 10.16 21.18 19.63
CA ASN A 62 9.15 20.84 20.59
C ASN A 62 8.42 19.58 20.18
N SER A 63 8.71 18.47 20.84
CA SER A 63 7.99 17.25 20.54
C SER A 63 6.52 17.30 20.96
N ASP A 64 6.11 18.35 21.67
CA ASP A 64 4.71 18.47 22.09
C ASP A 64 3.83 19.07 21.01
N VAL A 65 4.40 19.67 19.97
CA VAL A 65 3.64 20.31 18.90
C VAL A 65 3.57 19.35 17.71
N TRP A 66 2.39 18.78 17.48
CA TRP A 66 2.17 17.92 16.33
C TRP A 66 0.68 17.96 15.96
N PHE A 67 0.39 17.63 14.70
CA PHE A 67 -0.97 17.76 14.19
C PHE A 67 -1.26 16.59 13.26
N LEU A 68 -2.37 15.90 13.51
CA LEU A 68 -2.84 14.81 12.66
C LEU A 68 -4.29 15.05 12.31
N ASP A 69 -4.60 14.99 11.02
CA ASP A 69 -5.94 15.32 10.52
C ASP A 69 -6.89 14.18 10.85
N HIS A 70 -7.75 14.38 11.86
CA HIS A 70 -8.78 13.39 12.15
C HIS A 70 -9.66 13.13 10.94
N ASN A 71 -10.04 14.19 10.23
CA ASN A 71 -10.97 14.04 9.10
C ASN A 71 -10.35 13.17 8.01
N TYR A 72 -9.04 13.32 7.77
CA TYR A 72 -8.39 12.50 6.75
C TYR A 72 -8.44 11.03 7.13
N ILE A 73 -8.12 10.72 8.39
CA ILE A 73 -8.20 9.34 8.87
C ILE A 73 -9.56 8.75 8.54
N GLU A 74 -10.62 9.46 8.91
CA GLU A 74 -11.97 8.94 8.75
C GLU A 74 -12.35 8.84 7.28
N ASN A 75 -12.09 9.90 6.51
CA ASN A 75 -12.45 9.88 5.10
C ASN A 75 -11.73 8.77 4.34
N MET A 76 -10.45 8.57 4.61
CA MET A 76 -9.73 7.54 3.86
C MET A 76 -10.14 6.15 4.33
N ASN A 77 -10.29 5.96 5.65
CA ASN A 77 -10.68 4.65 6.15
C ASN A 77 -12.03 4.21 5.58
N GLU A 78 -12.94 5.16 5.38
CA GLU A 78 -14.22 4.83 4.78
C GLU A 78 -14.07 4.38 3.33
N MET A 79 -13.13 4.96 2.60
CA MET A 79 -12.89 4.49 1.24
C MET A 79 -12.27 3.10 1.27
N CYS A 80 -11.37 2.83 2.22
CA CYS A 80 -10.83 1.49 2.37
C CYS A 80 -11.92 0.49 2.73
N LYS A 81 -12.89 0.93 3.54
CA LYS A 81 -14.00 0.04 3.92
C LYS A 81 -14.78 -0.40 2.70
N LYS A 82 -14.99 0.52 1.76
CA LYS A 82 -15.73 0.20 0.54
C LYS A 82 -15.00 -0.82 -0.32
N ILE A 83 -13.67 -0.88 -0.22
CA ILE A 83 -12.89 -1.82 -1.01
C ILE A 83 -12.82 -3.18 -0.32
N ASN A 84 -12.43 -3.20 0.97
CA ASN A 84 -12.27 -4.46 1.66
C ASN A 84 -12.64 -4.25 3.13
N ALA A 85 -13.84 -4.67 3.50
CA ALA A 85 -14.29 -4.43 4.87
C ALA A 85 -13.58 -5.29 5.89
N LYS A 86 -12.88 -6.35 5.47
CA LYS A 86 -12.16 -7.19 6.41
C LYS A 86 -10.87 -6.55 6.91
N GLU A 87 -10.32 -5.56 6.20
CA GLU A 87 -9.07 -4.92 6.62
C GLU A 87 -9.43 -3.71 7.48
N LYS A 88 -9.48 -3.94 8.79
CA LYS A 88 -9.85 -2.92 9.76
C LYS A 88 -8.66 -2.02 10.09
N LEU A 89 -8.97 -0.80 10.52
CA LEU A 89 -7.94 0.07 11.07
C LEU A 89 -7.45 -0.51 12.40
N ILE A 90 -6.17 -0.88 12.44
CA ILE A 90 -5.59 -1.54 13.61
C ILE A 90 -4.48 -0.74 14.27
N GLY A 91 -4.06 0.38 13.70
CA GLY A 91 -3.06 1.21 14.35
C GLY A 91 -2.40 2.14 13.35
N TRP A 92 -1.13 2.42 13.60
CA TRP A 92 -0.45 3.43 12.80
C TRP A 92 1.01 3.03 12.60
N TYR A 93 1.67 3.73 11.67
CA TYR A 93 3.10 3.52 11.44
C TYR A 93 3.82 4.87 11.34
N HIS A 94 5.14 4.83 11.57
CA HIS A 94 5.97 5.96 11.16
C HIS A 94 7.35 5.46 10.80
N SER A 95 8.12 6.34 10.15
CA SER A 95 9.40 5.95 9.57
C SER A 95 10.55 5.99 10.58
N GLY A 96 10.31 6.38 11.82
CA GLY A 96 11.34 6.23 12.84
C GLY A 96 12.62 7.02 12.62
N PRO A 97 13.79 6.35 12.73
CA PRO A 97 13.96 4.90 12.86
C PRO A 97 13.66 4.34 14.26
N LYS A 98 13.38 5.21 15.23
CA LYS A 98 13.16 4.81 16.61
C LYS A 98 11.92 5.48 17.18
N LEU A 99 11.45 4.96 18.32
CA LEU A 99 10.39 5.61 19.07
C LEU A 99 10.69 7.07 19.34
N ARG A 100 9.66 7.90 19.24
CA ARG A 100 9.79 9.33 19.49
C ARG A 100 8.98 9.72 20.71
N ALA A 101 9.31 10.89 21.29
CA ALA A 101 8.76 11.24 22.59
C ALA A 101 7.25 11.43 22.54
N SER A 102 6.71 11.79 21.38
CA SER A 102 5.29 12.05 21.25
C SER A 102 4.47 10.79 20.96
N ASP A 103 5.12 9.64 20.80
CA ASP A 103 4.44 8.48 20.23
C ASP A 103 3.33 7.96 21.15
N LEU A 104 3.50 8.00 22.48
CA LEU A 104 2.44 7.54 23.35
C LEU A 104 1.18 8.41 23.21
N LYS A 105 1.35 9.73 23.10
CA LYS A 105 0.18 10.60 22.95
C LYS A 105 -0.48 10.45 21.58
N ILE A 106 0.32 10.33 20.52
CA ILE A 106 -0.25 10.06 19.20
C ILE A 106 -1.03 8.74 19.23
N ASN A 107 -0.47 7.73 19.89
CA ASN A 107 -1.14 6.43 19.98
C ASN A 107 -2.50 6.55 20.66
N GLU A 108 -2.64 7.47 21.61
CA GLU A 108 -3.93 7.67 22.26
C GLU A 108 -4.99 8.16 21.28
N LEU A 109 -4.58 8.95 20.28
CA LEU A 109 -5.51 9.36 19.23
C LEU A 109 -6.05 8.15 18.47
N PHE A 110 -5.18 7.20 18.14
CA PHE A 110 -5.63 6.06 17.34
C PHE A 110 -6.49 5.09 18.16
N LYS A 111 -6.39 5.15 19.49
CA LYS A 111 -7.23 4.30 20.32
C LYS A 111 -8.71 4.52 20.04
N LYS A 112 -9.08 5.71 19.56
CA LYS A 112 -10.47 6.01 19.27
C LYS A 112 -10.96 5.37 17.98
N TYR A 113 -10.03 4.92 17.12
CA TYR A 113 -10.38 4.34 15.83
C TYR A 113 -10.22 2.83 15.77
N THR A 114 -9.57 2.19 16.74
CA THR A 114 -9.29 0.78 16.63
C THR A 114 -10.23 -0.03 17.52
N GLN A 115 -10.54 -1.25 17.05
N GLN A 115 -10.57 -1.23 17.05
CA GLN A 115 -11.36 -2.16 17.84
CA GLN A 115 -11.37 -2.13 17.88
C GLN A 115 -10.58 -2.75 19.02
C GLN A 115 -10.56 -2.66 19.07
N ASN A 116 -9.27 -2.87 18.88
CA ASN A 116 -8.40 -3.43 19.91
C ASN A 116 -7.31 -2.41 20.25
N ASN A 117 -6.43 -2.79 21.17
CA ASN A 117 -5.30 -1.94 21.53
C ASN A 117 -4.47 -1.65 20.28
N PRO A 118 -4.22 -0.38 19.94
CA PRO A 118 -3.57 -0.07 18.66
C PRO A 118 -2.14 -0.58 18.59
N LEU A 119 -1.73 -0.94 17.39
CA LEU A 119 -0.37 -1.31 17.08
C LEU A 119 0.35 -0.13 16.44
N LEU A 120 1.56 0.16 16.94
CA LEU A 120 2.48 1.07 16.27
C LEU A 120 3.56 0.26 15.57
N LEU A 121 3.75 0.53 14.29
CA LEU A 121 4.78 -0.13 13.49
C LEU A 121 5.77 0.93 13.07
N ILE A 122 7.02 0.80 13.53
CA ILE A 122 8.09 1.67 13.08
C ILE A 122 8.81 0.97 11.94
N VAL A 123 8.85 1.61 10.77
CA VAL A 123 9.44 1.02 9.57
C VAL A 123 10.70 1.81 9.28
N ASP A 124 11.85 1.15 9.34
CA ASP A 124 13.11 1.82 9.08
C ASP A 124 13.32 1.80 7.57
N VAL A 125 12.89 2.89 6.92
CA VAL A 125 13.05 2.99 5.47
C VAL A 125 14.47 3.34 5.05
N LYS A 126 15.38 3.47 5.99
CA LYS A 126 16.77 3.75 5.67
C LYS A 126 17.56 2.54 6.18
N GLN A 127 17.00 1.37 6.01
CA GLN A 127 17.57 0.10 6.39
C GLN A 127 18.90 -0.36 5.82
N GLN A 128 19.95 -0.45 6.61
CA GLN A 128 21.22 -1.00 6.10
C GLN A 128 21.51 -2.50 5.89
N GLY A 129 20.94 -3.37 6.69
CA GLY A 129 21.14 -4.79 6.47
C GLY A 129 20.86 -5.75 7.60
N VAL A 130 20.63 -5.18 8.76
CA VAL A 130 20.42 -5.98 9.94
C VAL A 130 19.01 -6.43 10.30
N GLY A 131 18.50 -7.48 9.63
CA GLY A 131 17.19 -8.07 9.91
C GLY A 131 15.97 -7.37 9.35
N LEU A 132 14.79 -7.59 9.92
CA LEU A 132 13.59 -6.91 9.46
C LEU A 132 13.68 -5.42 9.81
N PRO A 133 13.27 -4.55 8.89
CA PRO A 133 13.34 -3.10 9.15
C PRO A 133 12.13 -2.59 9.91
N THR A 134 11.70 -3.34 10.92
CA THR A 134 10.46 -3.05 11.62
C THR A 134 10.64 -3.23 13.12
N ASP A 135 9.95 -2.41 13.89
CA ASP A 135 9.76 -2.60 15.32
C ASP A 135 8.28 -2.36 15.63
N ALA A 136 7.64 -3.31 16.30
CA ALA A 136 6.22 -3.25 16.57
C ALA A 136 5.99 -3.04 18.06
N TYR A 137 5.02 -2.19 18.40
CA TYR A 137 4.76 -1.81 19.77
C TYR A 137 3.27 -1.72 20.04
N VAL A 138 2.87 -2.08 21.27
CA VAL A 138 1.55 -1.77 21.80
C VAL A 138 1.76 -1.06 23.13
N ALA A 139 0.82 -0.18 23.47
CA ALA A 139 0.87 0.52 24.76
C ALA A 139 0.35 -0.36 25.88
N ILE A 140 1.04 -0.35 27.02
CA ILE A 140 0.65 -1.10 28.22
C ILE A 140 0.87 -0.20 29.43
N GLU A 141 0.28 -0.61 30.55
CA GLU A 141 0.61 -0.02 31.84
C GLU A 141 1.74 -0.82 32.45
N GLN A 142 2.78 -0.13 32.89
CA GLN A 142 3.93 -0.75 33.53
C GLN A 142 4.01 -0.30 34.99
N VAL A 143 4.13 -1.27 35.89
CA VAL A 143 4.16 -0.99 37.32
C VAL A 143 5.33 -0.09 37.72
N ASP A 146 10.17 -0.15 42.26
CA ASP A 146 8.95 0.37 42.85
C ASP A 146 7.73 -0.35 42.31
N GLY A 147 6.78 -0.63 43.20
CA GLY A 147 5.54 -1.30 42.82
C GLY A 147 4.30 -0.63 43.35
N THR A 148 4.29 0.70 43.37
CA THR A 148 3.22 1.48 43.99
C THR A 148 2.23 2.07 42.99
N SER A 149 2.64 2.28 41.74
CA SER A 149 1.76 2.84 40.74
C SER A 149 2.18 2.32 39.36
N THR A 150 1.42 2.69 38.34
CA THR A 150 1.73 2.27 36.98
C THR A 150 1.87 3.47 36.08
N GLU A 151 2.61 3.28 34.98
N GLU A 151 2.60 3.28 34.98
CA GLU A 151 2.77 4.30 33.97
CA GLU A 151 2.78 4.30 33.96
C GLU A 151 2.64 3.65 32.60
C GLU A 151 2.66 3.65 32.59
N LYS A 152 2.07 4.39 31.65
CA LYS A 152 1.95 3.89 30.30
C LYS A 152 3.32 3.84 29.63
N THR A 153 3.55 2.77 28.89
CA THR A 153 4.80 2.60 28.14
C THR A 153 4.49 1.72 26.95
N PHE A 154 5.48 1.58 26.06
CA PHE A 154 5.35 0.71 24.90
C PHE A 154 6.02 -0.62 25.19
N LEU A 155 5.40 -1.69 24.69
CA LEU A 155 5.93 -3.05 24.75
C LEU A 155 6.28 -3.51 23.35
N HIS A 156 7.54 -3.87 23.13
CA HIS A 156 7.97 -4.40 21.85
C HIS A 156 7.39 -5.80 21.63
N LEU A 157 6.87 -6.03 20.42
CA LEU A 157 6.36 -7.32 19.99
C LEU A 157 7.18 -7.83 18.82
N PRO A 158 7.40 -9.14 18.74
CA PRO A 158 8.17 -9.68 17.61
C PRO A 158 7.35 -9.68 16.33
N CYS A 159 8.03 -9.40 15.22
CA CYS A 159 7.45 -9.35 13.89
C CYS A 159 8.03 -10.45 13.01
N THR A 160 7.21 -10.97 12.11
CA THR A 160 7.69 -11.73 10.97
C THR A 160 6.96 -11.23 9.73
N ILE A 161 7.46 -11.64 8.57
CA ILE A 161 6.86 -11.32 7.30
C ILE A 161 5.94 -12.46 6.90
N GLU A 162 4.73 -12.13 6.45
CA GLU A 162 3.80 -13.14 5.96
C GLU A 162 3.15 -12.56 4.72
N ALA A 163 3.32 -13.26 3.60
CA ALA A 163 2.80 -12.82 2.31
C ALA A 163 1.66 -13.73 1.86
N GLU A 164 0.61 -13.13 1.32
CA GLU A 164 -0.39 -13.93 0.63
C GLU A 164 0.24 -14.54 -0.62
N GLU A 165 -0.32 -15.66 -1.08
CA GLU A 165 0.33 -16.45 -2.13
C GLU A 165 0.66 -15.61 -3.38
N ALA A 166 -0.33 -14.90 -3.92
CA ALA A 166 -0.07 -14.14 -5.14
C ALA A 166 0.90 -12.98 -4.90
N GLU A 167 0.81 -12.34 -3.73
CA GLU A 167 1.74 -11.28 -3.38
C GLU A 167 3.17 -11.81 -3.25
N GLU A 168 3.33 -13.03 -2.74
CA GLU A 168 4.66 -13.62 -2.68
C GLU A 168 5.23 -13.81 -4.07
N ILE A 169 4.42 -14.29 -5.02
CA ILE A 169 4.90 -14.42 -6.39
C ILE A 169 5.21 -13.04 -6.96
N GLY A 170 4.38 -12.04 -6.62
CA GLY A 170 4.67 -10.68 -7.03
C GLY A 170 6.05 -10.22 -6.59
N VAL A 171 6.39 -10.49 -5.32
CA VAL A 171 7.71 -10.12 -4.83
C VAL A 171 8.79 -10.82 -5.62
N GLU A 172 8.64 -12.13 -5.83
CA GLU A 172 9.67 -12.87 -6.56
C GLU A 172 9.78 -12.37 -7.99
N HIS A 173 8.64 -12.02 -8.60
CA HIS A 173 8.64 -11.48 -9.96
C HIS A 173 9.42 -10.17 -10.03
N LEU A 174 9.20 -9.28 -9.05
CA LEU A 174 9.95 -8.03 -8.99
C LEU A 174 11.44 -8.29 -8.80
N LEU A 175 11.79 -9.22 -7.91
CA LEU A 175 13.20 -9.52 -7.67
C LEU A 175 13.90 -10.09 -8.90
N ARG A 176 13.19 -10.83 -9.72
CA ARG A 176 13.73 -11.45 -10.93
C ARG A 176 13.74 -10.51 -12.12
N ASP A 177 13.18 -9.32 -11.94
CA ASP A 177 13.08 -8.29 -12.95
C ASP A 177 12.13 -8.60 -14.14
N LYS B 24 7.94 -0.70 -29.19
CA LYS B 24 8.70 0.52 -28.96
C LYS B 24 8.21 1.22 -27.68
N GLU B 25 6.92 1.10 -27.40
CA GLU B 25 6.36 1.68 -26.19
C GLU B 25 6.39 0.66 -25.06
N THR B 26 6.69 1.14 -23.86
CA THR B 26 6.79 0.30 -22.68
C THR B 26 5.91 0.88 -21.59
N VAL B 27 5.26 0.00 -20.84
CA VAL B 27 4.54 0.36 -19.63
C VAL B 27 5.40 -0.10 -18.47
N TYR B 28 5.94 0.83 -17.69
CA TYR B 28 6.70 0.49 -16.49
C TYR B 28 5.75 0.49 -15.30
N ILE B 29 5.79 -0.57 -14.52
CA ILE B 29 4.89 -0.77 -13.38
C ILE B 29 5.72 -0.77 -12.11
N SER B 30 5.35 0.08 -11.16
CA SER B 30 6.08 0.13 -9.90
C SER B 30 5.80 -1.11 -9.03
N SER B 31 6.67 -1.29 -8.02
CA SER B 31 6.53 -2.41 -7.08
C SER B 31 5.17 -2.37 -6.39
N ILE B 32 4.79 -1.22 -5.82
CA ILE B 32 3.52 -1.19 -5.10
C ILE B 32 2.37 -1.31 -6.08
N ALA B 33 2.51 -0.79 -7.32
CA ALA B 33 1.42 -0.97 -8.28
C ALA B 33 1.17 -2.45 -8.56
N LEU B 34 2.22 -3.21 -8.83
CA LEU B 34 2.05 -4.63 -9.10
C LEU B 34 1.42 -5.34 -7.91
N LEU B 35 1.97 -5.12 -6.70
CA LEU B 35 1.44 -5.85 -5.55
C LEU B 35 -0.01 -5.46 -5.25
N LYS B 36 -0.38 -4.18 -5.42
CA LYS B 36 -1.76 -3.79 -5.15
C LYS B 36 -2.71 -4.41 -6.15
N MET B 37 -2.31 -4.51 -7.42
CA MET B 37 -3.20 -5.12 -8.40
C MET B 37 -3.41 -6.60 -8.10
N LEU B 38 -2.33 -7.31 -7.75
CA LEU B 38 -2.46 -8.72 -7.39
C LEU B 38 -3.31 -8.89 -6.14
N LYS B 39 -3.06 -8.05 -5.13
CA LYS B 39 -3.82 -8.12 -3.87
C LYS B 39 -5.30 -7.90 -4.11
N HIS B 40 -5.65 -6.81 -4.80
CA HIS B 40 -7.04 -6.51 -5.09
C HIS B 40 -7.68 -7.65 -5.86
N GLY B 41 -6.99 -8.12 -6.90
CA GLY B 41 -7.54 -9.21 -7.70
C GLY B 41 -7.75 -10.47 -6.89
N ARG B 42 -6.79 -10.80 -6.01
CA ARG B 42 -6.95 -12.00 -5.20
C ARG B 42 -8.11 -11.86 -4.24
N ALA B 43 -8.27 -10.69 -3.63
CA ALA B 43 -9.35 -10.50 -2.66
C ALA B 43 -10.71 -10.52 -3.31
N GLY B 44 -10.78 -10.18 -4.60
CA GLY B 44 -12.05 -10.10 -5.29
C GLY B 44 -12.48 -11.37 -5.98
N VAL B 45 -11.63 -12.39 -6.02
CA VAL B 45 -12.02 -13.70 -6.57
C VAL B 45 -13.33 -14.14 -5.95
N PRO B 46 -14.32 -14.57 -6.78
CA PRO B 46 -14.30 -14.86 -8.22
C PRO B 46 -14.75 -13.73 -9.14
N MET B 47 -14.88 -12.52 -8.62
CA MET B 47 -15.32 -11.39 -9.42
C MET B 47 -14.14 -10.72 -10.12
N GLU B 48 -14.44 -10.11 -11.28
CA GLU B 48 -13.53 -9.16 -11.90
C GLU B 48 -13.59 -7.85 -11.14
N VAL B 49 -12.50 -7.47 -10.51
CA VAL B 49 -12.40 -6.19 -9.82
C VAL B 49 -11.61 -5.25 -10.71
N MET B 50 -11.77 -3.95 -10.48
CA MET B 50 -11.06 -2.95 -11.29
C MET B 50 -10.55 -1.81 -10.42
N GLY B 51 -9.55 -1.11 -10.95
CA GLY B 51 -9.10 0.13 -10.35
C GLY B 51 -8.44 1.03 -11.38
N LEU B 52 -7.90 2.14 -10.90
N LEU B 52 -7.93 2.15 -10.91
CA LEU B 52 -7.28 3.15 -11.73
CA LEU B 52 -7.27 3.14 -11.74
C LEU B 52 -5.76 3.15 -11.53
C LEU B 52 -5.77 3.06 -11.56
N MET B 53 -5.04 3.41 -12.61
CA MET B 53 -3.57 3.47 -12.59
C MET B 53 -3.12 4.93 -12.64
N LEU B 54 -2.20 5.27 -11.75
CA LEU B 54 -1.69 6.63 -11.65
C LEU B 54 -0.25 6.67 -12.11
N GLY B 55 0.13 7.77 -12.75
CA GLY B 55 1.51 7.89 -13.16
C GLY B 55 1.73 9.01 -14.15
N GLU B 56 2.58 8.77 -15.13
CA GLU B 56 2.91 9.84 -16.07
C GLU B 56 3.18 9.26 -17.45
N PHE B 57 2.76 10.01 -18.47
CA PHE B 57 3.18 9.72 -19.83
C PHE B 57 4.46 10.51 -20.07
N VAL B 58 5.61 9.87 -19.79
CA VAL B 58 6.84 10.66 -19.68
C VAL B 58 7.39 11.06 -21.05
N ASP B 59 7.13 10.29 -22.09
CA ASP B 59 7.50 10.67 -23.45
C ASP B 59 6.67 9.84 -24.42
N ASP B 60 7.01 9.90 -25.71
CA ASP B 60 6.19 9.19 -26.69
C ASP B 60 6.24 7.68 -26.53
N TYR B 61 7.22 7.14 -25.80
CA TYR B 61 7.44 5.70 -25.75
C TYR B 61 7.29 5.10 -24.36
N THR B 62 6.82 5.87 -23.38
CA THR B 62 6.87 5.36 -22.01
C THR B 62 5.66 5.82 -21.22
N VAL B 63 5.01 4.87 -20.59
CA VAL B 63 3.98 5.10 -19.59
C VAL B 63 4.55 4.61 -18.27
N ASN B 64 4.67 5.50 -17.30
N ASN B 64 4.55 5.47 -17.26
CA ASN B 64 5.09 5.12 -15.96
CA ASN B 64 5.09 5.14 -15.95
C ASN B 64 3.83 4.95 -15.13
C ASN B 64 3.94 5.00 -14.98
N VAL B 65 3.66 3.77 -14.53
CA VAL B 65 2.60 3.52 -13.58
C VAL B 65 3.25 3.49 -12.21
N VAL B 66 3.03 4.55 -11.43
CA VAL B 66 3.70 4.65 -10.13
C VAL B 66 2.86 4.06 -8.99
N ASP B 67 1.56 3.92 -9.19
CA ASP B 67 0.66 3.51 -8.11
C ASP B 67 -0.66 3.17 -8.78
N VAL B 68 -1.54 2.52 -8.02
CA VAL B 68 -2.90 2.25 -8.46
C VAL B 68 -3.80 2.43 -7.25
N PHE B 69 -5.12 2.50 -7.50
CA PHE B 69 -6.06 2.32 -6.40
C PHE B 69 -7.31 1.59 -6.87
N ALA B 70 -7.84 0.77 -5.97
CA ALA B 70 -9.03 -0.01 -6.23
C ALA B 70 -10.27 0.88 -6.30
N MET B 71 -11.19 0.49 -7.15
CA MET B 71 -12.54 1.05 -7.14
C MET B 71 -13.51 0.04 -6.53
N PRO B 72 -14.55 0.52 -5.85
CA PRO B 72 -15.53 -0.40 -5.26
C PRO B 72 -16.26 -1.20 -6.33
N GLN B 73 -16.73 -2.38 -5.93
CA GLN B 73 -17.53 -3.19 -6.82
C GLN B 73 -18.85 -2.50 -7.17
N SER B 74 -19.30 -2.70 -8.40
CA SER B 74 -20.57 -2.14 -8.85
C SER B 74 -21.33 -3.15 -9.71
N ALA B 82 -19.35 2.75 -15.69
CA ALA B 82 -20.06 3.09 -14.45
C ALA B 82 -19.08 3.42 -13.33
N VAL B 83 -17.97 4.05 -13.69
CA VAL B 83 -16.94 4.41 -12.72
C VAL B 83 -17.49 5.48 -11.78
N ASP B 84 -17.34 5.25 -10.47
CA ASP B 84 -17.82 6.20 -9.46
C ASP B 84 -16.89 7.41 -9.46
N ASP B 85 -17.34 8.50 -10.11
CA ASP B 85 -16.51 9.68 -10.25
C ASP B 85 -16.31 10.39 -8.91
N VAL B 86 -17.27 10.28 -8.00
CA VAL B 86 -17.12 10.88 -6.68
C VAL B 86 -15.99 10.19 -5.91
N PHE B 87 -15.98 8.86 -5.93
CA PHE B 87 -14.92 8.10 -5.28
C PHE B 87 -13.56 8.43 -5.88
N GLN B 88 -13.47 8.41 -7.22
CA GLN B 88 -12.23 8.73 -7.90
C GLN B 88 -11.72 10.11 -7.51
N ALA B 89 -12.58 11.13 -7.61
CA ALA B 89 -12.15 12.49 -7.28
C ALA B 89 -11.69 12.59 -5.83
N LYS B 90 -12.41 11.93 -4.92
CA LYS B 90 -12.04 12.03 -3.51
C LYS B 90 -10.69 11.38 -3.26
N MET B 91 -10.50 10.17 -3.80
CA MET B 91 -9.21 9.51 -3.64
C MET B 91 -8.08 10.34 -4.23
N MET B 92 -8.28 10.92 -5.41
N MET B 92 -8.28 10.93 -5.41
CA MET B 92 -7.24 11.76 -6.00
CA MET B 92 -7.24 11.76 -6.00
C MET B 92 -6.92 12.96 -5.12
C MET B 92 -6.91 12.97 -5.13
N ASP B 93 -7.96 13.61 -4.58
CA ASP B 93 -7.73 14.75 -3.68
C ASP B 93 -6.91 14.33 -2.48
N MET B 94 -7.24 13.20 -1.86
CA MET B 94 -6.53 12.80 -0.65
C MET B 94 -5.10 12.36 -0.95
N LEU B 95 -4.88 11.69 -2.07
CA LEU B 95 -3.51 11.28 -2.40
C LEU B 95 -2.63 12.49 -2.69
N LYS B 96 -3.18 13.52 -3.35
CA LYS B 96 -2.40 14.74 -3.53
C LYS B 96 -1.96 15.33 -2.21
N GLN B 97 -2.78 15.21 -1.17
CA GLN B 97 -2.44 15.76 0.15
C GLN B 97 -1.28 15.02 0.80
N THR B 98 -0.99 13.79 0.37
CA THR B 98 0.11 13.00 0.93
C THR B 98 1.18 12.71 -0.12
N GLY B 99 1.31 13.57 -1.13
CA GLY B 99 2.48 13.53 -1.99
C GLY B 99 2.36 12.65 -3.21
N ARG B 100 1.15 12.22 -3.55
CA ARG B 100 0.89 11.39 -4.74
C ARG B 100 -0.05 12.21 -5.62
N ASP B 101 0.51 13.00 -6.52
CA ASP B 101 -0.30 13.90 -7.35
C ASP B 101 -0.28 13.52 -8.82
N GLN B 102 -0.08 12.24 -9.12
CA GLN B 102 0.06 11.80 -10.49
C GLN B 102 -1.32 11.63 -11.15
N MET B 103 -1.35 11.80 -12.46
CA MET B 103 -2.60 11.72 -13.21
C MET B 103 -2.96 10.27 -13.51
N VAL B 104 -4.22 10.07 -13.87
CA VAL B 104 -4.69 8.75 -14.31
C VAL B 104 -4.10 8.45 -15.69
N VAL B 105 -3.37 7.34 -15.80
CA VAL B 105 -2.81 6.89 -17.05
C VAL B 105 -3.52 5.66 -17.59
N GLY B 106 -4.56 5.19 -16.92
CA GLY B 106 -5.28 4.02 -17.40
C GLY B 106 -5.99 3.33 -16.25
N TRP B 107 -6.34 2.07 -16.49
CA TRP B 107 -7.11 1.31 -15.53
C TRP B 107 -6.60 -0.13 -15.57
N TYR B 108 -6.84 -0.86 -14.48
CA TYR B 108 -6.55 -2.28 -14.46
C TYR B 108 -7.80 -3.04 -14.06
N HIS B 109 -7.85 -4.32 -14.42
CA HIS B 109 -8.88 -5.16 -13.86
C HIS B 109 -8.39 -6.59 -13.89
N SER B 110 -9.08 -7.43 -13.14
CA SER B 110 -8.62 -8.79 -12.92
C SER B 110 -9.44 -9.76 -13.74
N HIS B 111 -8.77 -10.80 -14.25
CA HIS B 111 -9.38 -11.96 -14.89
C HIS B 111 -9.02 -13.17 -14.04
N PRO B 112 -9.84 -13.51 -13.04
CA PRO B 112 -9.43 -14.55 -12.09
C PRO B 112 -9.49 -15.95 -12.68
N GLY B 113 -8.39 -16.37 -13.30
CA GLY B 113 -8.22 -17.73 -13.74
C GLY B 113 -8.28 -17.92 -15.24
N PHE B 114 -8.64 -16.90 -16.02
CA PHE B 114 -8.84 -17.11 -17.45
C PHE B 114 -7.97 -16.21 -18.33
N GLY B 115 -6.83 -15.72 -17.82
CA GLY B 115 -5.83 -15.12 -18.69
C GLY B 115 -6.12 -13.68 -19.02
N CYS B 116 -5.16 -13.05 -19.70
CA CYS B 116 -5.20 -11.62 -19.96
C CYS B 116 -5.64 -11.35 -21.40
N TRP B 117 -6.69 -10.55 -21.57
CA TRP B 117 -7.29 -10.25 -22.85
C TRP B 117 -8.39 -9.24 -22.56
N LEU B 118 -8.97 -8.66 -23.61
CA LEU B 118 -10.06 -7.71 -23.45
C LEU B 118 -11.35 -8.29 -24.04
N SER B 119 -12.39 -8.32 -23.22
CA SER B 119 -13.71 -8.68 -23.68
C SER B 119 -14.36 -7.49 -24.36
N SER B 120 -15.56 -7.69 -24.90
CA SER B 120 -16.28 -6.59 -25.55
C SER B 120 -16.59 -5.48 -24.56
N VAL B 121 -17.02 -5.86 -23.36
CA VAL B 121 -17.29 -4.87 -22.32
C VAL B 121 -16.01 -4.14 -21.95
N ASP B 122 -14.89 -4.86 -21.87
CA ASP B 122 -13.60 -4.23 -21.57
C ASP B 122 -13.24 -3.22 -22.64
N VAL B 123 -13.48 -3.57 -23.91
CA VAL B 123 -13.14 -2.66 -25.01
C VAL B 123 -13.95 -1.38 -24.90
N ASN B 124 -15.23 -1.51 -24.57
CA ASN B 124 -16.07 -0.32 -24.38
C ASN B 124 -15.55 0.55 -23.24
N THR B 125 -15.16 -0.08 -22.13
CA THR B 125 -14.57 0.66 -21.01
C THR B 125 -13.29 1.35 -21.44
N GLN B 126 -12.43 0.66 -22.19
CA GLN B 126 -11.18 1.26 -22.64
C GLN B 126 -11.44 2.41 -23.62
N LYS B 127 -12.45 2.28 -24.49
CA LYS B 127 -12.81 3.39 -25.35
C LYS B 127 -13.14 4.64 -24.55
N SER B 128 -13.84 4.49 -23.42
CA SER B 128 -14.15 5.64 -22.59
C SER B 128 -12.89 6.30 -22.06
N PHE B 129 -11.92 5.49 -21.62
CA PHE B 129 -10.67 6.04 -21.11
C PHE B 129 -9.88 6.74 -22.21
N GLU B 130 -9.85 6.15 -23.41
CA GLU B 130 -9.08 6.71 -24.51
C GLU B 130 -9.67 8.02 -25.01
N GLN B 131 -10.99 8.17 -24.91
CA GLN B 131 -11.61 9.46 -25.20
C GLN B 131 -11.14 10.55 -24.25
N LEU B 132 -10.85 10.19 -22.99
CA LEU B 132 -10.35 11.17 -22.02
C LEU B 132 -8.86 11.45 -22.22
N ASN B 133 -8.07 10.41 -22.47
CA ASN B 133 -6.66 10.59 -22.82
C ASN B 133 -6.28 9.52 -23.83
N SER B 134 -5.82 9.93 -25.01
CA SER B 134 -5.56 8.98 -26.08
C SER B 134 -4.49 7.95 -25.73
N ARG B 135 -3.65 8.23 -24.72
CA ARG B 135 -2.60 7.30 -24.36
C ARG B 135 -3.00 6.31 -23.26
N ALA B 136 -4.24 6.38 -22.77
CA ALA B 136 -4.67 5.51 -21.66
C ALA B 136 -4.41 4.04 -21.96
N VAL B 137 -3.99 3.29 -20.92
CA VAL B 137 -3.62 1.88 -21.02
C VAL B 137 -4.59 1.04 -20.20
N ALA B 138 -4.96 -0.13 -20.73
CA ALA B 138 -5.75 -1.12 -20.00
C ALA B 138 -4.84 -2.26 -19.57
N VAL B 139 -4.66 -2.43 -18.26
CA VAL B 139 -3.88 -3.55 -17.74
C VAL B 139 -4.84 -4.63 -17.26
N VAL B 140 -4.51 -5.88 -17.56
CA VAL B 140 -5.30 -7.02 -17.09
C VAL B 140 -4.36 -7.94 -16.33
N VAL B 141 -4.77 -8.35 -15.13
CA VAL B 141 -3.97 -9.25 -14.31
C VAL B 141 -4.77 -10.51 -14.02
N ASP B 142 -4.10 -11.66 -14.03
CA ASP B 142 -4.76 -12.90 -13.64
C ASP B 142 -4.19 -13.35 -12.29
N PRO B 143 -4.90 -13.09 -11.19
CA PRO B 143 -4.35 -13.40 -9.86
C PRO B 143 -4.37 -14.87 -9.53
N ILE B 144 -5.15 -15.68 -10.25
CA ILE B 144 -5.19 -17.12 -10.02
C ILE B 144 -4.04 -17.82 -10.72
N GLN B 145 -3.88 -17.55 -12.02
CA GLN B 145 -2.78 -18.17 -12.74
C GLN B 145 -1.43 -17.68 -12.23
N SER B 146 -1.39 -16.49 -11.63
CA SER B 146 -0.13 -15.98 -11.12
C SER B 146 0.43 -16.84 -10.01
N VAL B 147 -0.41 -17.50 -9.22
CA VAL B 147 0.12 -18.25 -8.09
C VAL B 147 0.93 -19.47 -8.53
N LYS B 148 0.89 -19.82 -9.81
CA LYS B 148 1.67 -20.96 -10.29
C LYS B 148 3.17 -20.69 -10.37
N GLY B 149 3.61 -19.46 -10.13
CA GLY B 149 5.04 -19.19 -10.13
C GLY B 149 5.48 -17.96 -10.90
N LYS B 150 4.70 -17.53 -11.90
CA LYS B 150 5.02 -16.33 -12.65
C LYS B 150 3.79 -15.47 -12.76
N VAL B 151 3.97 -14.16 -12.55
CA VAL B 151 2.88 -13.21 -12.68
C VAL B 151 2.33 -13.26 -14.09
N VAL B 152 1.00 -13.35 -14.21
CA VAL B 152 0.30 -13.34 -15.48
C VAL B 152 -0.39 -11.98 -15.62
N ILE B 153 0.12 -11.13 -16.51
CA ILE B 153 -0.33 -9.73 -16.61
C ILE B 153 -0.03 -9.25 -18.02
N ASP B 154 -0.85 -8.33 -18.53
CA ASP B 154 -0.64 -7.76 -19.86
C ASP B 154 -1.22 -6.35 -19.88
N ALA B 155 -0.84 -5.59 -20.90
CA ALA B 155 -1.23 -4.19 -21.05
C ALA B 155 -1.67 -3.97 -22.48
N PHE B 156 -2.80 -3.28 -22.67
CA PHE B 156 -3.43 -3.19 -23.96
C PHE B 156 -3.82 -1.76 -24.29
N ARG B 157 -3.85 -1.46 -25.58
CA ARG B 157 -4.54 -0.29 -26.08
C ARG B 157 -5.30 -0.69 -27.34
N LEU B 158 -6.29 0.12 -27.70
CA LEU B 158 -7.07 -0.20 -28.89
C LEU B 158 -6.34 0.25 -30.14
N ILE B 159 -6.71 -0.37 -31.27
CA ILE B 159 -6.11 0.03 -32.55
C ILE B 159 -6.67 1.36 -33.01
N ASP B 160 -7.99 1.48 -33.06
CA ASP B 160 -8.63 2.72 -33.48
C ASP B 160 -9.57 3.25 -32.40
N HIS B 195 -8.47 -5.25 -33.28
CA HIS B 195 -9.15 -4.45 -32.30
C HIS B 195 -8.23 -3.93 -31.22
N TYR B 196 -7.30 -4.72 -30.74
CA TYR B 196 -6.41 -4.20 -29.71
C TYR B 196 -5.03 -4.81 -29.80
N TYR B 197 -4.06 -4.20 -29.11
CA TYR B 197 -2.70 -4.72 -29.16
C TYR B 197 -2.06 -4.65 -27.79
N SER B 198 -1.05 -5.49 -27.60
CA SER B 198 -0.33 -5.63 -26.34
C SER B 198 0.87 -4.68 -26.29
N LEU B 199 1.04 -4.01 -25.16
CA LEU B 199 2.23 -3.19 -24.90
C LEU B 199 3.22 -3.95 -24.03
N ASN B 200 4.50 -3.81 -24.35
CA ASN B 200 5.54 -4.37 -23.49
C ASN B 200 5.42 -3.81 -22.07
N ILE B 201 5.57 -4.69 -21.07
CA ILE B 201 5.56 -4.31 -19.66
C ILE B 201 6.96 -4.53 -19.10
N ASP B 202 7.43 -3.58 -18.31
CA ASP B 202 8.69 -3.71 -17.57
C ASP B 202 8.45 -3.19 -16.15
N TYR B 203 9.38 -3.47 -15.26
CA TYR B 203 9.19 -3.09 -13.86
C TYR B 203 10.25 -2.10 -13.44
N HIS B 204 9.82 -1.08 -12.70
CA HIS B 204 10.71 -0.07 -12.15
C HIS B 204 10.92 -0.40 -10.68
N LYS B 205 12.18 -0.56 -10.29
CA LYS B 205 12.52 -0.86 -8.89
C LYS B 205 13.66 0.08 -8.50
N THR B 206 13.47 0.81 -7.40
CA THR B 206 14.55 1.64 -6.91
C THR B 206 15.57 0.77 -6.17
N ALA B 207 16.77 1.32 -5.98
CA ALA B 207 17.79 0.59 -5.21
C ALA B 207 17.28 0.26 -3.81
N LYS B 208 16.55 1.19 -3.19
CA LYS B 208 16.02 0.96 -1.85
C LYS B 208 14.97 -0.13 -1.83
N GLU B 209 14.08 -0.14 -2.84
CA GLU B 209 13.08 -1.20 -2.94
C GLU B 209 13.73 -2.55 -3.18
N THR B 210 14.71 -2.60 -4.07
CA THR B 210 15.42 -3.87 -4.31
C THR B 210 16.03 -4.39 -3.03
N LYS B 211 16.71 -3.52 -2.28
CA LYS B 211 17.38 -3.97 -1.07
C LYS B 211 16.36 -4.43 -0.03
N MET B 212 15.26 -3.69 0.12
CA MET B 212 14.19 -4.07 1.05
C MET B 212 13.63 -5.44 0.71
N LEU B 213 13.27 -5.63 -0.56
CA LEU B 213 12.62 -6.89 -0.96
C LEU B 213 13.60 -8.06 -0.88
N MET B 214 14.85 -7.84 -1.30
CA MET B 214 15.84 -8.90 -1.17
C MET B 214 16.01 -9.31 0.29
N ASN B 215 16.07 -8.33 1.20
CA ASN B 215 16.26 -8.65 2.61
C ASN B 215 15.03 -9.34 3.20
N LEU B 216 13.83 -8.92 2.79
CA LEU B 216 12.62 -9.58 3.28
C LEU B 216 12.56 -11.03 2.81
N HIS B 217 12.88 -11.27 1.54
CA HIS B 217 12.87 -12.65 1.04
C HIS B 217 13.87 -13.52 1.78
N LYS B 218 15.08 -13.00 2.01
CA LYS B 218 16.09 -13.77 2.73
C LYS B 218 15.63 -14.05 4.16
N GLU B 219 15.04 -13.06 4.81
CA GLU B 219 14.54 -13.25 6.18
C GLU B 219 13.45 -14.29 6.24
N GLN B 220 12.51 -14.25 5.29
CA GLN B 220 11.35 -15.15 5.33
C GLN B 220 11.74 -16.60 5.03
N TRP B 221 12.54 -16.83 3.99
CA TRP B 221 12.80 -18.19 3.52
C TRP B 221 14.22 -18.68 3.80
N GLN B 222 15.12 -17.77 4.16
CA GLN B 222 16.56 -17.98 4.36
C GLN B 222 17.17 -18.94 3.36
ZN ZN C . -12.53 -8.05 -18.25
#